data_2O7R
#
_entry.id   2O7R
#
_cell.length_a   156.565
_cell.length_b   53.820
_cell.length_c   42.328
_cell.angle_alpha   90.00
_cell.angle_beta   102.48
_cell.angle_gamma   90.00
#
_symmetry.space_group_name_H-M   'C 1 2 1'
#
loop_
_entity.id
_entity.type
_entity.pdbx_description
1 polymer 'CXE carboxylesterase'
2 non-polymer 'PROPYL ACETATE'
3 water water
#
_entity_poly.entity_id   1
_entity_poly.type   'polypeptide(L)'
_entity_poly.pdbx_seq_one_letter_code
;MSNDHLETTGSSDPNTNLLKYLPIVLNPDRTITRPIQIPSTAASPDPTSSSPVLTKDLALNPLHNTFVRLFLPRHALYNS
AKLPLVVYFHGGGFILFSAASTIFHDFCCEMAVHAGVVIASVDYRLAPEHRLPAAYDDAMEALQWIKDSRDEWLTNFADF
SNCFIMGESAGGNIAYHAGLRAAAVADELLPLKIKGLVLDEPGFGGSKRTGSELRLANDSRLPTFVLDLIWELSLPMGAD
RDHEYCNPTAESEPLYSFDKIRSLGWRVMVVGCHGDPMIDRQMELAERLEKKGVDVVAQFDVGGYHAVKLEDPEKAKQFF
VILKKFVVDSCTTKLKLN
;
_entity_poly.pdbx_strand_id   A
#
# COMPACT_ATOMS: atom_id res chain seq x y z
N LEU A 18 -20.45 -4.46 -15.27
CA LEU A 18 -19.27 -3.85 -14.57
C LEU A 18 -19.54 -3.35 -13.15
N LEU A 19 -20.66 -2.67 -12.96
CA LEU A 19 -21.08 -2.15 -11.66
C LEU A 19 -21.18 -3.19 -10.55
N LYS A 20 -21.23 -4.46 -10.94
CA LYS A 20 -21.27 -5.55 -9.98
C LYS A 20 -19.90 -5.74 -9.32
N TYR A 21 -18.85 -5.17 -9.95
CA TYR A 21 -17.47 -5.40 -9.54
C TYR A 21 -16.75 -4.13 -9.18
N LEU A 22 -17.04 -3.05 -9.92
CA LEU A 22 -16.33 -1.76 -9.75
C LEU A 22 -17.32 -0.61 -9.85
N PRO A 23 -17.23 0.37 -8.94
CA PRO A 23 -18.16 1.48 -8.95
C PRO A 23 -17.77 2.59 -9.96
N ILE A 24 -17.64 2.16 -11.21
CA ILE A 24 -17.24 3.08 -12.28
C ILE A 24 -18.12 2.87 -13.52
N VAL A 25 -18.16 3.93 -14.33
CA VAL A 25 -18.70 3.82 -15.69
C VAL A 25 -17.59 4.14 -16.68
N LEU A 26 -17.44 3.29 -17.70
CA LEU A 26 -16.50 3.55 -18.80
C LEU A 26 -17.17 4.41 -19.89
N ASN A 27 -16.53 5.50 -20.29
CA ASN A 27 -17.11 6.46 -21.23
C ASN A 27 -16.50 6.20 -22.60
N PRO A 28 -17.25 6.55 -23.66
CA PRO A 28 -16.75 6.30 -25.03
C PRO A 28 -15.69 7.33 -25.50
N ASP A 29 -14.86 7.77 -24.58
CA ASP A 29 -13.83 8.76 -24.85
C ASP A 29 -12.57 8.38 -24.07
N ARG A 30 -12.53 7.10 -23.70
CA ARG A 30 -11.37 6.47 -23.01
C ARG A 30 -11.28 6.89 -21.52
N THR A 31 -12.24 7.68 -21.04
CA THR A 31 -12.23 8.16 -19.63
C THR A 31 -13.20 7.33 -18.82
N ILE A 32 -13.16 7.50 -17.49
CA ILE A 32 -14.22 6.90 -16.64
C ILE A 32 -14.90 7.94 -15.81
N THR A 33 -16.08 7.56 -15.30
CA THR A 33 -16.83 8.33 -14.36
C THR A 33 -16.98 7.50 -13.08
N ARG A 34 -16.95 8.22 -11.96
CA ARG A 34 -17.07 7.61 -10.63
C ARG A 34 -18.37 8.06 -9.95
N PRO A 35 -19.50 7.41 -10.30
CA PRO A 35 -20.80 7.94 -9.95
C PRO A 35 -21.32 7.52 -8.56
N ILE A 36 -20.58 6.68 -7.85
CA ILE A 36 -21.01 6.17 -6.54
C ILE A 36 -20.00 6.73 -5.54
N GLN A 37 -20.49 7.43 -4.52
CA GLN A 37 -19.59 8.00 -3.57
C GLN A 37 -18.96 6.91 -2.69
N ILE A 38 -17.64 6.93 -2.58
CA ILE A 38 -17.01 5.98 -1.66
C ILE A 38 -16.92 6.78 -0.35
N PRO A 39 -17.53 6.27 0.73
CA PRO A 39 -17.51 7.02 2.00
C PRO A 39 -16.11 7.39 2.47
N SER A 40 -16.04 8.55 3.05
CA SER A 40 -14.79 9.02 3.67
C SER A 40 -15.02 9.46 5.08
N THR A 41 -13.93 9.55 5.86
CA THR A 41 -14.04 9.91 7.27
C THR A 41 -13.26 11.18 7.50
N ALA A 42 -13.85 12.13 8.24
CA ALA A 42 -13.13 13.35 8.48
C ALA A 42 -11.98 13.13 9.44
N ALA A 43 -10.92 13.92 9.31
CA ALA A 43 -9.86 13.88 10.30
C ALA A 43 -10.33 14.34 11.68
N SER A 44 -9.67 13.82 12.70
CA SER A 44 -10.01 14.10 14.11
C SER A 44 -8.69 14.32 14.90
N PRO A 45 -8.19 15.57 14.89
CA PRO A 45 -6.91 15.78 15.51
C PRO A 45 -6.83 16.00 17.00
N ASP A 46 -7.99 16.17 17.62
CA ASP A 46 -8.09 16.65 19.06
C ASP A 46 -8.19 15.46 20.02
N PRO A 47 -7.27 15.37 21.01
CA PRO A 47 -7.38 14.24 21.98
C PRO A 47 -8.56 14.36 22.97
N THR A 48 -9.31 15.46 22.93
CA THR A 48 -10.54 15.56 23.75
C THR A 48 -11.74 14.88 23.06
N SER A 49 -11.58 14.54 21.77
CA SER A 49 -12.51 13.67 21.06
C SER A 49 -12.45 12.27 21.71
N SER A 50 -13.37 11.40 21.32
CA SER A 50 -13.39 10.01 21.79
C SER A 50 -12.40 9.06 21.08
N SER A 51 -11.93 9.45 19.89
CA SER A 51 -11.17 8.58 18.98
C SER A 51 -10.01 7.87 19.69
N PRO A 52 -9.87 6.53 19.53
CA PRO A 52 -8.61 5.94 20.01
C PRO A 52 -7.35 6.27 19.15
N VAL A 53 -7.58 6.87 17.99
CA VAL A 53 -6.49 7.31 17.10
C VAL A 53 -6.77 8.72 16.61
N LEU A 54 -5.76 9.55 16.69
CA LEU A 54 -5.87 10.96 16.22
C LEU A 54 -5.45 10.96 14.78
N THR A 55 -6.10 11.80 14.00
CA THR A 55 -5.77 11.93 12.56
C THR A 55 -5.79 13.37 12.13
N LYS A 56 -4.88 13.70 11.20
CA LYS A 56 -4.91 15.01 10.54
C LYS A 56 -4.35 14.88 9.12
N ASP A 57 -4.80 15.78 8.25
CA ASP A 57 -4.29 15.80 6.88
C ASP A 57 -3.35 16.91 6.61
N LEU A 58 -2.29 16.64 5.86
CA LEU A 58 -1.29 17.63 5.55
C LEU A 58 -1.19 17.64 4.02
N ALA A 59 -1.30 18.82 3.42
CA ALA A 59 -1.16 18.93 1.97
C ALA A 59 0.26 18.51 1.57
N LEU A 60 0.36 17.78 0.44
CA LEU A 60 1.66 17.31 -0.10
C LEU A 60 2.07 18.19 -1.30
N ASN A 61 1.32 18.05 -2.42
CA ASN A 61 1.65 18.84 -3.61
C ASN A 61 0.35 19.35 -4.23
N PRO A 62 0.08 20.68 -4.19
CA PRO A 62 -1.19 21.19 -4.69
C PRO A 62 -1.37 21.00 -6.21
N LEU A 63 -0.27 20.95 -6.93
CA LEU A 63 -0.39 20.71 -8.39
C LEU A 63 -0.89 19.30 -8.70
N HIS A 64 -0.65 18.37 -7.77
CA HIS A 64 -1.10 16.98 -7.88
C HIS A 64 -2.29 16.73 -6.99
N ASN A 65 -2.72 17.75 -6.23
CA ASN A 65 -3.79 17.61 -5.21
C ASN A 65 -3.56 16.39 -4.27
N THR A 66 -2.30 16.17 -3.92
CA THR A 66 -2.01 15.05 -3.03
C THR A 66 -1.93 15.55 -1.61
N PHE A 67 -2.17 14.61 -0.67
CA PHE A 67 -2.03 14.94 0.77
C PHE A 67 -1.61 13.67 1.47
N VAL A 68 -1.24 13.85 2.76
CA VAL A 68 -0.92 12.74 3.60
C VAL A 68 -1.80 12.78 4.87
N ARG A 69 -2.43 11.67 5.23
CA ARG A 69 -3.18 11.60 6.50
C ARG A 69 -2.24 10.93 7.50
N LEU A 70 -1.98 11.60 8.63
CA LEU A 70 -1.23 10.95 9.76
C LEU A 70 -2.22 10.32 10.74
N PHE A 71 -1.83 9.14 11.22
CA PHE A 71 -2.59 8.42 12.26
C PHE A 71 -1.62 8.28 13.45
N LEU A 72 -2.07 8.79 14.58
CA LEU A 72 -1.27 8.77 15.82
C LEU A 72 -2.12 8.05 16.90
N PRO A 73 -1.76 6.82 17.28
CA PRO A 73 -2.59 6.13 18.30
C PRO A 73 -2.60 6.89 19.64
N ARG A 74 -3.75 6.89 20.32
CA ARG A 74 -3.92 7.70 21.54
C ARG A 74 -2.94 7.25 22.57
N HIS A 75 -2.62 5.94 22.55
CA HIS A 75 -1.76 5.39 23.59
C HIS A 75 -0.39 6.05 23.65
N ALA A 76 0.04 6.60 22.51
CA ALA A 76 1.33 7.29 22.38
C ALA A 76 1.37 8.58 23.21
N LEU A 77 0.21 9.11 23.56
CA LEU A 77 0.21 10.37 24.30
C LEU A 77 0.43 10.17 25.80
N TYR A 78 0.53 8.91 26.24
CA TYR A 78 0.73 8.59 27.66
C TYR A 78 2.13 8.04 27.95
N ASN A 79 3.05 8.22 27.01
CA ASN A 79 4.46 7.90 27.24
C ASN A 79 5.29 8.81 26.38
N SER A 80 6.61 8.72 26.53
CA SER A 80 7.55 9.58 25.80
C SER A 80 8.37 8.78 24.79
N ALA A 81 7.89 7.60 24.45
CA ALA A 81 8.59 6.72 23.49
C ALA A 81 8.09 7.02 22.08
N LYS A 82 8.99 7.03 21.09
CA LYS A 82 8.51 7.24 19.68
C LYS A 82 8.22 5.91 19.05
N LEU A 83 7.24 5.89 18.12
CA LEU A 83 6.87 4.61 17.47
C LEU A 83 7.38 4.49 16.05
N PRO A 84 7.55 3.25 15.59
CA PRO A 84 7.97 3.12 14.17
C PRO A 84 6.95 3.80 13.22
N LEU A 85 7.47 4.29 12.09
CA LEU A 85 6.67 5.04 11.15
C LEU A 85 6.36 4.16 9.95
N VAL A 86 5.09 4.01 9.64
CA VAL A 86 4.68 3.25 8.49
C VAL A 86 4.11 4.23 7.44
N VAL A 87 4.76 4.28 6.25
CA VAL A 87 4.30 5.07 5.10
C VAL A 87 3.38 4.14 4.31
N TYR A 88 2.07 4.45 4.23
CA TYR A 88 1.09 3.47 3.76
C TYR A 88 0.42 3.92 2.44
N PHE A 89 0.13 2.98 1.55
CA PHE A 89 -0.59 3.28 0.29
C PHE A 89 -1.82 2.40 0.21
N HIS A 90 -2.98 3.07 0.12
CA HIS A 90 -4.25 2.37 0.04
C HIS A 90 -4.38 1.64 -1.30
N GLY A 91 -5.31 0.66 -1.31
CA GLY A 91 -5.68 -0.06 -2.51
C GLY A 91 -6.82 0.61 -3.28
N GLY A 92 -7.32 -0.14 -4.26
CA GLY A 92 -8.36 0.44 -5.17
C GLY A 92 -7.99 0.40 -6.65
N GLY A 93 -7.15 -0.53 -7.08
CA GLY A 93 -6.97 -0.75 -8.54
C GLY A 93 -6.26 0.38 -9.26
N PHE A 94 -5.56 1.24 -8.50
CA PHE A 94 -4.89 2.47 -9.02
C PHE A 94 -5.89 3.57 -9.45
N ILE A 95 -7.18 3.21 -9.42
CA ILE A 95 -8.25 4.04 -10.05
C ILE A 95 -9.27 4.58 -9.09
N LEU A 96 -9.27 4.14 -7.82
CA LEU A 96 -10.30 4.45 -6.86
C LEU A 96 -9.69 4.58 -5.43
N PHE A 97 -10.52 5.15 -4.57
CA PHE A 97 -10.27 5.30 -3.12
C PHE A 97 -9.29 6.40 -2.79
N SER A 98 -9.28 6.72 -1.49
CA SER A 98 -8.46 7.78 -0.94
C SER A 98 -7.88 7.30 0.39
N ALA A 99 -6.81 7.98 0.81
CA ALA A 99 -6.33 7.79 2.17
C ALA A 99 -7.40 8.06 3.24
N ALA A 100 -8.36 8.92 2.89
CA ALA A 100 -9.45 9.27 3.82
C ALA A 100 -10.68 8.36 3.58
N SER A 101 -10.64 7.40 2.64
CA SER A 101 -11.80 6.51 2.49
C SER A 101 -11.99 5.77 3.78
N THR A 102 -13.25 5.65 4.25
CA THR A 102 -13.51 5.07 5.54
C THR A 102 -12.90 3.67 5.72
N ILE A 103 -12.96 2.84 4.68
CA ILE A 103 -12.47 1.46 4.88
C ILE A 103 -10.97 1.47 5.16
N PHE A 104 -10.27 2.43 4.50
CA PHE A 104 -8.81 2.53 4.73
C PHE A 104 -8.46 3.33 5.97
N HIS A 105 -9.22 4.38 6.28
CA HIS A 105 -9.06 5.06 7.51
C HIS A 105 -9.24 4.08 8.68
N ASP A 106 -10.29 3.29 8.64
CA ASP A 106 -10.52 2.42 9.80
C ASP A 106 -9.42 1.37 9.90
N PHE A 107 -8.98 0.83 8.75
CA PHE A 107 -7.88 -0.15 8.84
C PHE A 107 -6.62 0.46 9.42
N CYS A 108 -6.31 1.67 8.98
CA CYS A 108 -5.12 2.34 9.52
C CYS A 108 -5.27 2.64 10.99
N CYS A 109 -6.47 3.02 11.43
CA CYS A 109 -6.62 3.24 12.90
C CYS A 109 -6.40 1.92 13.65
N GLU A 110 -6.96 0.83 13.20
CA GLU A 110 -6.71 -0.45 13.83
C GLU A 110 -5.27 -0.83 13.87
N MET A 111 -4.60 -0.57 12.72
CA MET A 111 -3.19 -0.92 12.62
C MET A 111 -2.34 -0.08 13.57
N ALA A 112 -2.63 1.22 13.64
CA ALA A 112 -1.90 2.10 14.56
C ALA A 112 -1.98 1.55 15.98
N VAL A 113 -3.21 1.24 16.41
CA VAL A 113 -3.41 0.79 17.80
C VAL A 113 -2.74 -0.57 17.97
N HIS A 114 -3.00 -1.51 17.07
CA HIS A 114 -2.62 -2.90 17.36
C HIS A 114 -1.24 -3.35 16.88
N ALA A 115 -0.65 -2.61 15.95
CA ALA A 115 0.77 -2.85 15.59
C ALA A 115 1.68 -1.81 16.26
N GLY A 116 1.11 -0.78 16.85
CA GLY A 116 1.89 0.17 17.67
C GLY A 116 2.77 1.04 16.75
N VAL A 117 2.11 1.70 15.78
CA VAL A 117 2.82 2.50 14.78
C VAL A 117 2.17 3.86 14.55
N VAL A 118 2.97 4.86 14.13
CA VAL A 118 2.42 6.09 13.55
C VAL A 118 2.36 5.85 12.04
N ILE A 119 1.25 6.24 11.41
CA ILE A 119 1.10 5.95 9.94
C ILE A 119 0.99 7.27 9.20
N ALA A 120 1.68 7.34 8.06
CA ALA A 120 1.50 8.41 7.12
C ALA A 120 0.92 7.81 5.85
N SER A 121 -0.40 8.00 5.62
CA SER A 121 -1.09 7.35 4.53
C SER A 121 -1.21 8.33 3.36
N VAL A 122 -0.71 7.92 2.19
CA VAL A 122 -0.49 8.89 1.11
C VAL A 122 -1.69 8.90 0.16
N ASP A 123 -2.21 10.12 -0.08
CA ASP A 123 -3.30 10.20 -1.05
C ASP A 123 -2.71 10.46 -2.40
N TYR A 124 -2.36 9.39 -3.11
CA TYR A 124 -1.67 9.52 -4.43
C TYR A 124 -2.68 9.74 -5.56
N ARG A 125 -2.16 10.17 -6.69
CA ARG A 125 -3.00 10.46 -7.87
C ARG A 125 -3.55 9.17 -8.43
N LEU A 126 -4.75 9.25 -8.99
CA LEU A 126 -5.42 8.09 -9.55
C LEU A 126 -5.41 8.05 -11.08
N ALA A 127 -5.37 6.83 -11.58
CA ALA A 127 -5.60 6.53 -12.99
C ALA A 127 -7.10 6.43 -13.29
N PRO A 128 -7.47 6.58 -14.58
CA PRO A 128 -6.64 6.80 -15.78
C PRO A 128 -6.23 8.26 -15.98
N GLU A 129 -6.70 9.17 -15.13
CA GLU A 129 -6.38 10.60 -15.25
C GLU A 129 -4.87 10.72 -15.12
N HIS A 130 -4.28 9.87 -14.23
CA HIS A 130 -2.85 9.91 -14.02
C HIS A 130 -2.36 8.48 -14.02
N ARG A 131 -2.04 7.97 -15.21
CA ARG A 131 -1.59 6.61 -15.33
C ARG A 131 -0.22 6.39 -14.62
N LEU A 132 0.11 5.11 -14.31
CA LEU A 132 1.45 4.84 -13.78
C LEU A 132 2.48 5.40 -14.76
N PRO A 133 3.58 5.95 -14.30
CA PRO A 133 4.07 5.91 -12.90
C PRO A 133 3.65 7.06 -11.99
N ALA A 134 2.57 7.78 -12.29
CA ALA A 134 2.21 8.91 -11.43
C ALA A 134 2.15 8.54 -9.91
N ALA A 135 1.54 7.42 -9.56
CA ALA A 135 1.42 7.08 -8.11
C ALA A 135 2.78 6.81 -7.51
N TYR A 136 3.70 6.20 -8.30
CA TYR A 136 5.04 5.91 -7.78
C TYR A 136 5.78 7.23 -7.56
N ASP A 137 5.60 8.21 -8.46
CA ASP A 137 6.22 9.50 -8.27
C ASP A 137 5.67 10.15 -7.01
N ASP A 138 4.37 10.01 -6.78
CA ASP A 138 3.81 10.59 -5.54
C ASP A 138 4.34 9.89 -4.32
N ALA A 139 4.56 8.60 -4.43
CA ALA A 139 5.19 7.87 -3.27
C ALA A 139 6.52 8.43 -2.95
N MET A 140 7.35 8.64 -4.00
CA MET A 140 8.71 9.19 -3.72
C MET A 140 8.65 10.60 -3.23
N GLU A 141 7.71 11.37 -3.77
CA GLU A 141 7.57 12.75 -3.23
C GLU A 141 7.25 12.70 -1.75
N ALA A 142 6.35 11.77 -1.38
CA ALA A 142 5.98 11.69 0.05
C ALA A 142 7.17 11.32 0.91
N LEU A 143 8.03 10.42 0.42
CA LEU A 143 9.20 10.07 1.23
C LEU A 143 10.09 11.28 1.38
N GLN A 144 10.28 12.01 0.30
CA GLN A 144 11.15 13.20 0.37
C GLN A 144 10.59 14.23 1.30
N TRP A 145 9.28 14.35 1.34
CA TRP A 145 8.62 15.34 2.14
C TRP A 145 8.71 14.92 3.61
N ILE A 146 8.55 13.63 3.87
CA ILE A 146 8.56 13.16 5.26
C ILE A 146 9.96 13.39 5.87
N LYS A 147 10.99 13.07 5.10
CA LYS A 147 12.35 13.17 5.60
C LYS A 147 12.62 14.61 6.05
N ASP A 148 12.09 15.60 5.36
CA ASP A 148 12.35 17.04 5.55
C ASP A 148 11.34 17.64 6.52
N SER A 149 10.35 16.85 6.97
CA SER A 149 9.22 17.41 7.70
C SER A 149 9.60 17.85 9.12
N ARG A 150 9.08 19.00 9.50
CA ARG A 150 9.13 19.42 10.91
C ARG A 150 7.75 19.35 11.53
N ASP A 151 6.84 18.59 10.89
CA ASP A 151 5.54 18.42 11.54
C ASP A 151 5.71 17.92 12.99
N GLU A 152 4.88 18.44 13.87
CA GLU A 152 5.07 18.18 15.31
C GLU A 152 4.64 16.78 15.70
N TRP A 153 3.68 16.18 14.97
CA TRP A 153 3.35 14.79 15.32
C TRP A 153 4.52 13.90 14.93
N LEU A 154 5.05 14.08 13.74
CA LEU A 154 6.20 13.34 13.27
C LEU A 154 7.40 13.55 14.18
N THR A 155 7.73 14.82 14.49
CA THR A 155 8.96 15.04 15.28
C THR A 155 8.80 14.51 16.70
N ASN A 156 7.62 14.60 17.32
CA ASN A 156 7.54 14.21 18.72
C ASN A 156 7.16 12.74 18.95
N PHE A 157 6.59 12.08 17.93
CA PHE A 157 6.06 10.76 18.18
C PHE A 157 6.50 9.67 17.20
N ALA A 158 7.08 10.03 16.06
CA ALA A 158 7.53 9.01 15.10
C ALA A 158 9.01 8.77 15.12
N ASP A 159 9.41 7.48 15.06
CA ASP A 159 10.84 7.12 14.99
C ASP A 159 11.28 7.04 13.53
N PHE A 160 11.94 8.09 13.05
CA PHE A 160 12.41 8.16 11.66
C PHE A 160 13.44 7.08 11.33
N SER A 161 14.08 6.56 12.37
CA SER A 161 15.08 5.51 12.22
C SER A 161 14.52 4.13 12.00
N ASN A 162 13.18 4.02 12.10
CA ASN A 162 12.57 2.73 11.95
C ASN A 162 11.33 2.90 11.10
N CYS A 163 11.53 3.03 9.79
CA CYS A 163 10.46 3.37 8.85
C CYS A 163 10.14 2.16 8.02
N PHE A 164 8.84 1.93 7.74
CA PHE A 164 8.41 0.80 6.92
C PHE A 164 7.58 1.36 5.78
N ILE A 165 7.70 0.87 4.57
CA ILE A 165 6.85 1.28 3.45
C ILE A 165 5.83 0.14 3.27
N MET A 166 4.52 0.42 3.30
CA MET A 166 3.52 -0.63 3.22
C MET A 166 2.41 -0.23 2.26
N GLY A 167 1.81 -1.27 1.65
CA GLY A 167 0.59 -0.96 0.92
C GLY A 167 -0.25 -2.17 0.67
N GLU A 168 -1.53 -1.95 0.35
CA GLU A 168 -2.46 -2.99 0.10
C GLU A 168 -2.87 -3.00 -1.35
N SER A 169 -2.83 -4.24 -1.98
CA SER A 169 -3.40 -4.41 -3.35
C SER A 169 -2.63 -3.48 -4.28
N ALA A 170 -3.31 -2.57 -5.04
CA ALA A 170 -2.55 -1.65 -5.91
C ALA A 170 -1.52 -0.87 -5.09
N GLY A 171 -1.90 -0.52 -3.85
CA GLY A 171 -0.97 0.19 -2.98
C GLY A 171 0.23 -0.63 -2.59
N GLY A 172 0.11 -1.95 -2.64
CA GLY A 172 1.29 -2.81 -2.37
C GLY A 172 2.21 -2.82 -3.58
N ASN A 173 1.65 -2.69 -4.76
CA ASN A 173 2.46 -2.48 -5.98
C ASN A 173 3.20 -1.19 -5.85
N ILE A 174 2.49 -0.11 -5.45
CA ILE A 174 3.18 1.19 -5.25
C ILE A 174 4.26 1.03 -4.22
N ALA A 175 3.94 0.42 -3.06
CA ALA A 175 4.94 0.28 -1.96
C ALA A 175 6.18 -0.50 -2.48
N TYR A 176 5.94 -1.51 -3.27
CA TYR A 176 7.09 -2.30 -3.80
C TYR A 176 7.95 -1.44 -4.73
N HIS A 177 7.31 -0.73 -5.68
CA HIS A 177 8.10 0.17 -6.56
C HIS A 177 8.78 1.33 -5.84
N ALA A 178 8.08 1.92 -4.84
CA ALA A 178 8.70 2.91 -4.02
C ALA A 178 9.89 2.37 -3.26
N GLY A 179 9.75 1.15 -2.80
CA GLY A 179 10.85 0.51 -2.07
C GLY A 179 12.05 0.34 -2.99
N LEU A 180 11.83 -0.13 -4.21
CA LEU A 180 13.00 -0.20 -5.15
C LEU A 180 13.66 1.13 -5.42
N ARG A 181 12.85 2.15 -5.60
CA ARG A 181 13.39 3.48 -5.88
C ARG A 181 14.10 4.03 -4.66
N ALA A 182 13.54 3.79 -3.45
CA ALA A 182 14.11 4.33 -2.27
C ALA A 182 15.45 3.64 -2.01
N ALA A 183 15.54 2.34 -2.32
CA ALA A 183 16.77 1.59 -1.99
C ALA A 183 17.92 2.22 -2.78
N ALA A 184 17.63 2.69 -3.98
CA ALA A 184 18.64 3.30 -4.82
C ALA A 184 19.08 4.68 -4.32
N VAL A 185 18.32 5.31 -3.45
CA VAL A 185 18.68 6.61 -2.96
C VAL A 185 18.66 6.58 -1.44
N ALA A 186 19.00 5.43 -0.85
CA ALA A 186 18.86 5.31 0.63
C ALA A 186 19.63 6.38 1.41
N ASP A 187 20.85 6.67 0.98
CA ASP A 187 21.68 7.67 1.68
C ASP A 187 21.02 9.07 1.66
N GLU A 188 20.37 9.38 0.54
CA GLU A 188 19.70 10.66 0.32
C GLU A 188 18.43 10.87 1.17
N LEU A 189 17.88 9.75 1.66
CA LEU A 189 16.63 9.82 2.46
C LEU A 189 16.87 10.06 3.93
N LEU A 190 18.11 9.95 4.37
CA LEU A 190 18.40 10.25 5.79
C LEU A 190 17.85 11.64 6.13
N PRO A 191 17.29 11.82 7.35
CA PRO A 191 17.31 10.98 8.55
C PRO A 191 16.33 9.78 8.53
N LEU A 192 15.50 9.70 7.51
CA LEU A 192 14.61 8.59 7.42
C LEU A 192 15.44 7.33 7.11
N LYS A 193 15.21 6.24 7.86
CA LYS A 193 15.88 4.97 7.61
C LYS A 193 14.80 3.94 7.39
N ILE A 194 14.77 3.38 6.19
CA ILE A 194 13.86 2.31 5.93
C ILE A 194 14.39 1.00 6.50
N LYS A 195 13.52 0.30 7.21
CA LYS A 195 13.93 -1.00 7.79
C LYS A 195 13.21 -2.18 7.12
N GLY A 196 12.10 -1.89 6.42
CA GLY A 196 11.37 -2.96 5.79
C GLY A 196 10.23 -2.47 4.87
N LEU A 197 9.71 -3.45 4.16
CA LEU A 197 8.61 -3.27 3.22
C LEU A 197 7.51 -4.23 3.67
N VAL A 198 6.26 -3.78 3.63
CA VAL A 198 5.13 -4.68 3.94
C VAL A 198 4.16 -4.69 2.76
N LEU A 199 4.14 -5.82 2.03
CA LEU A 199 3.36 -5.92 0.80
C LEU A 199 2.14 -6.73 1.10
N ASP A 200 0.99 -6.06 1.26
CA ASP A 200 -0.24 -6.74 1.70
C ASP A 200 -1.02 -7.04 0.42
N GLU A 201 -1.09 -8.32 0.06
CA GLU A 201 -1.81 -8.76 -1.10
C GLU A 201 -1.53 -7.87 -2.31
N PRO A 202 -0.25 -7.66 -2.65
CA PRO A 202 0.08 -6.66 -3.67
C PRO A 202 -0.41 -7.03 -5.08
N GLY A 203 -0.83 -6.02 -5.83
CA GLY A 203 -1.43 -6.25 -7.17
C GLY A 203 -0.39 -6.25 -8.25
N PHE A 204 -0.28 -7.45 -8.89
CA PHE A 204 0.60 -7.64 -9.99
C PHE A 204 -0.12 -8.43 -11.04
N GLY A 205 0.39 -8.30 -12.28
CA GLY A 205 -0.22 -8.95 -13.44
C GLY A 205 0.84 -9.47 -14.45
N GLY A 206 0.32 -9.89 -15.61
CA GLY A 206 1.16 -10.41 -16.68
C GLY A 206 0.30 -10.71 -17.88
N SER A 207 0.95 -10.78 -19.04
CA SER A 207 0.19 -11.02 -20.27
C SER A 207 -0.41 -12.45 -20.26
N LYS A 208 0.46 -13.40 -19.93
CA LYS A 208 0.06 -14.83 -19.82
C LYS A 208 -0.63 -15.10 -18.47
N ARG A 209 -1.62 -15.97 -18.43
CA ARG A 209 -2.31 -16.26 -17.16
C ARG A 209 -1.48 -17.21 -16.31
N THR A 210 -1.39 -16.92 -14.99
CA THR A 210 -0.86 -17.90 -14.05
C THR A 210 -1.92 -18.95 -13.72
N GLY A 211 -1.46 -20.03 -13.08
CA GLY A 211 -2.44 -21.01 -12.62
C GLY A 211 -3.60 -20.46 -11.79
N SER A 212 -3.29 -19.58 -10.83
CA SER A 212 -4.33 -19.03 -9.97
C SER A 212 -5.28 -18.09 -10.73
N GLU A 213 -4.73 -17.43 -11.75
CA GLU A 213 -5.59 -16.62 -12.57
C GLU A 213 -6.52 -17.47 -13.40
N LEU A 214 -6.06 -18.65 -13.82
CA LEU A 214 -6.99 -19.62 -14.45
C LEU A 214 -7.99 -20.22 -13.44
N ARG A 215 -7.48 -20.68 -12.29
CA ARG A 215 -8.35 -21.31 -11.25
C ARG A 215 -9.46 -20.36 -10.78
N LEU A 216 -9.12 -19.05 -10.68
CA LEU A 216 -10.04 -18.08 -10.15
C LEU A 216 -10.54 -17.11 -11.24
N ALA A 217 -10.50 -17.52 -12.49
CA ALA A 217 -10.97 -16.67 -13.62
C ALA A 217 -12.37 -16.10 -13.40
N ASN A 218 -13.23 -16.84 -12.71
CA ASN A 218 -14.64 -16.46 -12.54
C ASN A 218 -14.92 -15.97 -11.14
N ASP A 219 -13.87 -15.48 -10.45
CA ASP A 219 -14.03 -14.92 -9.13
C ASP A 219 -15.21 -13.93 -9.03
N SER A 220 -15.93 -13.93 -7.91
CA SER A 220 -17.10 -13.08 -7.68
C SER A 220 -16.78 -11.57 -7.52
N ARG A 221 -15.52 -11.23 -7.31
CA ARG A 221 -15.15 -9.81 -7.20
C ARG A 221 -14.08 -9.37 -8.21
N LEU A 222 -13.06 -10.23 -8.44
CA LEU A 222 -11.95 -9.91 -9.37
C LEU A 222 -11.79 -10.94 -10.48
N PRO A 223 -12.86 -11.08 -11.32
CA PRO A 223 -12.75 -11.98 -12.47
C PRO A 223 -11.73 -11.44 -13.49
N THR A 224 -11.34 -12.25 -14.47
CA THR A 224 -10.31 -11.88 -15.41
C THR A 224 -10.58 -10.50 -16.06
N PHE A 225 -11.84 -10.26 -16.47
CA PHE A 225 -12.07 -9.06 -17.28
C PHE A 225 -11.85 -7.80 -16.41
N VAL A 226 -12.14 -7.90 -15.11
CA VAL A 226 -11.96 -6.75 -14.20
C VAL A 226 -10.46 -6.47 -13.97
N LEU A 227 -9.70 -7.53 -13.67
CA LEU A 227 -8.25 -7.36 -13.57
C LEU A 227 -7.65 -6.77 -14.85
N ASP A 228 -8.03 -7.32 -16.02
CA ASP A 228 -7.56 -6.75 -17.26
C ASP A 228 -7.96 -5.26 -17.41
N LEU A 229 -9.18 -4.92 -17.01
CA LEU A 229 -9.62 -3.51 -17.07
C LEU A 229 -8.74 -2.61 -16.19
N ILE A 230 -8.53 -3.07 -14.96
CA ILE A 230 -7.65 -2.30 -14.08
C ILE A 230 -6.30 -2.00 -14.72
N TRP A 231 -5.64 -2.99 -15.30
CA TRP A 231 -4.35 -2.75 -15.92
C TRP A 231 -4.46 -1.84 -17.16
N GLU A 232 -5.55 -2.07 -17.92
CA GLU A 232 -5.76 -1.22 -19.11
C GLU A 232 -5.81 0.27 -18.72
N LEU A 233 -6.52 0.55 -17.62
CA LEU A 233 -6.72 1.94 -17.20
C LEU A 233 -5.52 2.50 -16.49
N SER A 234 -4.67 1.61 -15.95
CA SER A 234 -3.55 2.08 -15.10
C SER A 234 -2.16 2.17 -15.72
N LEU A 235 -1.88 1.27 -16.67
CA LEU A 235 -0.60 1.28 -17.33
C LEU A 235 -0.56 2.38 -18.40
N PRO A 236 0.66 2.75 -18.79
CA PRO A 236 0.77 3.68 -19.93
C PRO A 236 -0.03 3.21 -21.15
N MET A 237 -0.64 4.14 -21.86
CA MET A 237 -1.41 3.77 -23.09
C MET A 237 -0.58 2.88 -24.02
N GLY A 238 -1.20 1.81 -24.54
CA GLY A 238 -0.48 0.87 -25.42
C GLY A 238 0.56 -0.07 -24.80
N ALA A 239 0.85 0.03 -23.49
CA ALA A 239 1.66 -1.02 -22.82
C ALA A 239 0.88 -2.33 -22.76
N ASP A 240 1.57 -3.44 -22.55
CA ASP A 240 0.84 -4.68 -22.22
C ASP A 240 1.12 -5.09 -20.76
N ARG A 241 0.52 -6.18 -20.33
CA ARG A 241 0.66 -6.53 -18.90
C ARG A 241 2.06 -7.11 -18.48
N ASP A 242 2.99 -7.35 -19.43
CA ASP A 242 4.35 -7.65 -19.04
C ASP A 242 5.24 -6.45 -18.79
N HIS A 243 4.61 -5.25 -18.91
CA HIS A 243 5.26 -4.03 -18.55
C HIS A 243 5.75 -4.21 -17.08
N GLU A 244 6.94 -3.68 -16.79
CA GLU A 244 7.59 -3.78 -15.49
C GLU A 244 6.72 -3.23 -14.34
N TYR A 245 5.80 -2.31 -14.63
CA TYR A 245 4.93 -1.78 -13.55
C TYR A 245 3.95 -2.84 -13.16
N CYS A 246 3.58 -3.71 -14.07
CA CYS A 246 2.54 -4.72 -13.87
C CYS A 246 3.15 -6.06 -13.40
N ASN A 247 4.19 -6.54 -14.13
CA ASN A 247 4.80 -7.85 -13.90
C ASN A 247 6.21 -7.71 -13.36
N PRO A 248 6.43 -7.92 -12.05
CA PRO A 248 7.70 -7.56 -11.44
C PRO A 248 8.80 -8.57 -11.67
N THR A 249 8.42 -9.73 -12.15
CA THR A 249 9.39 -10.87 -12.26
C THR A 249 9.34 -11.49 -13.65
N PRO A 254 16.48 -8.90 -14.01
CA PRO A 254 17.56 -9.56 -13.25
C PRO A 254 17.42 -9.35 -11.76
N LEU A 255 16.60 -8.39 -11.37
CA LEU A 255 16.33 -8.11 -9.96
C LEU A 255 17.62 -7.73 -9.24
N TYR A 256 18.43 -6.90 -9.91
CA TYR A 256 19.60 -6.38 -9.27
C TYR A 256 19.21 -5.54 -8.08
N SER A 257 18.07 -4.85 -8.17
CA SER A 257 17.55 -4.11 -7.01
C SER A 257 17.53 -4.91 -5.70
N PHE A 258 17.32 -6.23 -5.80
CA PHE A 258 17.25 -7.03 -4.63
C PHE A 258 18.59 -7.12 -3.95
N ASP A 259 19.69 -6.96 -4.70
CA ASP A 259 21.00 -6.89 -4.06
C ASP A 259 21.08 -5.71 -3.13
N LYS A 260 20.50 -4.56 -3.53
CA LYS A 260 20.53 -3.35 -2.73
C LYS A 260 19.67 -3.55 -1.49
N ILE A 261 18.47 -4.15 -1.71
CA ILE A 261 17.57 -4.43 -0.52
C ILE A 261 18.27 -5.31 0.54
N ARG A 262 18.98 -6.31 0.00
CA ARG A 262 19.68 -7.27 0.86
C ARG A 262 20.82 -6.57 1.58
N SER A 263 21.59 -5.81 0.83
CA SER A 263 22.76 -5.08 1.39
C SER A 263 22.34 -4.09 2.47
N LEU A 264 21.21 -3.40 2.23
CA LEU A 264 20.67 -2.48 3.25
C LEU A 264 20.07 -3.18 4.49
N GLY A 265 19.82 -4.48 4.38
CA GLY A 265 19.32 -5.29 5.53
C GLY A 265 17.80 -5.13 5.68
N TRP A 266 17.13 -4.64 4.65
CA TRP A 266 15.66 -4.49 4.76
C TRP A 266 15.01 -5.85 4.85
N ARG A 267 13.99 -5.97 5.71
CA ARG A 267 13.15 -7.19 5.69
C ARG A 267 11.86 -6.94 4.93
N VAL A 268 11.33 -7.96 4.30
CA VAL A 268 10.14 -7.79 3.45
C VAL A 268 9.07 -8.77 3.89
N MET A 269 7.90 -8.22 4.27
CA MET A 269 6.76 -9.11 4.55
C MET A 269 5.83 -9.18 3.34
N VAL A 270 5.39 -10.36 2.93
CA VAL A 270 4.42 -10.54 1.86
C VAL A 270 3.28 -11.36 2.40
N VAL A 271 2.02 -10.87 2.28
CA VAL A 271 0.88 -11.69 2.76
C VAL A 271 -0.17 -11.75 1.68
N GLY A 272 -0.90 -12.84 1.70
CA GLY A 272 -1.94 -13.09 0.72
C GLY A 272 -2.66 -14.38 1.03
N CYS A 273 -3.56 -14.74 0.18
CA CYS A 273 -4.30 -15.98 0.45
C CYS A 273 -4.65 -16.65 -0.86
N HIS A 274 -4.96 -17.95 -0.73
CA HIS A 274 -5.20 -18.81 -1.92
C HIS A 274 -6.40 -18.38 -2.75
N GLY A 275 -7.36 -17.70 -2.10
CA GLY A 275 -8.54 -17.24 -2.82
C GLY A 275 -8.43 -15.93 -3.56
N ASP A 276 -7.21 -15.43 -3.73
CA ASP A 276 -6.95 -14.21 -4.50
C ASP A 276 -6.36 -14.63 -5.85
N PRO A 277 -6.97 -14.23 -7.01
CA PRO A 277 -6.40 -14.60 -8.31
C PRO A 277 -4.93 -14.15 -8.44
N MET A 278 -4.53 -13.09 -7.70
CA MET A 278 -3.12 -12.61 -7.86
C MET A 278 -2.11 -13.38 -6.99
N ILE A 279 -2.58 -14.40 -6.25
CA ILE A 279 -1.68 -15.15 -5.37
C ILE A 279 -0.42 -15.69 -6.01
N ASP A 280 -0.51 -16.25 -7.22
CA ASP A 280 0.74 -16.82 -7.81
C ASP A 280 1.79 -15.80 -8.04
N ARG A 281 1.40 -14.56 -8.41
CA ARG A 281 2.46 -13.56 -8.64
C ARG A 281 3.04 -13.09 -7.36
N GLN A 282 2.20 -13.00 -6.33
CA GLN A 282 2.69 -12.56 -5.00
C GLN A 282 3.66 -13.59 -4.43
N MET A 283 3.32 -14.83 -4.59
CA MET A 283 4.19 -15.92 -4.11
C MET A 283 5.45 -16.02 -4.90
N GLU A 284 5.41 -15.78 -6.20
CA GLU A 284 6.61 -15.74 -7.01
C GLU A 284 7.52 -14.60 -6.61
N LEU A 285 6.98 -13.40 -6.33
CA LEU A 285 7.83 -12.36 -5.85
C LEU A 285 8.53 -12.77 -4.54
N ALA A 286 7.77 -13.35 -3.60
CA ALA A 286 8.37 -13.78 -2.33
C ALA A 286 9.52 -14.79 -2.57
N GLU A 287 9.33 -15.69 -3.50
CA GLU A 287 10.35 -16.73 -3.79
C GLU A 287 11.57 -16.06 -4.42
N ARG A 288 11.35 -15.11 -5.36
CA ARG A 288 12.51 -14.41 -5.96
C ARG A 288 13.30 -13.57 -4.95
N LEU A 289 12.62 -12.89 -4.04
CA LEU A 289 13.28 -12.18 -3.00
C LEU A 289 14.12 -13.14 -2.13
N GLU A 290 13.51 -14.25 -1.72
CA GLU A 290 14.20 -15.28 -0.91
C GLU A 290 15.44 -15.80 -1.64
N LYS A 291 15.27 -16.09 -2.92
CA LYS A 291 16.43 -16.57 -3.72
C LYS A 291 17.62 -15.59 -3.76
N LYS A 292 17.32 -14.29 -3.66
CA LYS A 292 18.33 -13.25 -3.67
C LYS A 292 18.84 -12.92 -2.28
N GLY A 293 18.46 -13.72 -1.29
CA GLY A 293 19.03 -13.59 0.05
C GLY A 293 18.37 -12.48 0.89
N VAL A 294 17.22 -11.98 0.39
CA VAL A 294 16.47 -10.96 1.17
C VAL A 294 15.71 -11.69 2.30
N ASP A 295 15.72 -11.08 3.47
CA ASP A 295 15.01 -11.62 4.64
C ASP A 295 13.47 -11.43 4.41
N VAL A 296 12.78 -12.50 4.03
CA VAL A 296 11.32 -12.46 3.74
C VAL A 296 10.52 -13.10 4.83
N VAL A 297 9.40 -12.49 5.18
CA VAL A 297 8.46 -13.09 6.14
C VAL A 297 7.23 -13.26 5.28
N ALA A 298 6.93 -14.49 4.87
CA ALA A 298 5.73 -14.74 4.04
C ALA A 298 4.61 -15.34 4.85
N GLN A 299 3.39 -14.84 4.69
CA GLN A 299 2.23 -15.53 5.29
C GLN A 299 1.16 -15.59 4.25
N PHE A 300 1.09 -16.73 3.60
CA PHE A 300 0.10 -17.07 2.62
C PHE A 300 -0.84 -18.17 3.13
N ASP A 301 -2.13 -17.83 3.20
CA ASP A 301 -3.15 -18.60 3.93
C ASP A 301 -4.00 -19.36 2.97
N VAL A 302 -4.67 -20.38 3.51
CA VAL A 302 -5.67 -21.06 2.69
C VAL A 302 -6.93 -20.20 2.62
N GLY A 303 -7.72 -20.42 1.59
CA GLY A 303 -9.04 -19.80 1.57
C GLY A 303 -8.97 -18.28 1.39
N GLY A 304 -9.88 -17.58 2.05
CA GLY A 304 -10.04 -16.13 1.94
C GLY A 304 -10.43 -15.65 0.55
N TYR A 305 -10.21 -14.35 0.35
CA TYR A 305 -10.39 -13.73 -0.94
C TYR A 305 -9.63 -12.42 -0.82
N HIS A 306 -9.45 -11.80 -1.98
CA HIS A 306 -8.68 -10.57 -2.00
C HIS A 306 -9.39 -9.49 -1.16
N ALA A 307 -8.63 -8.83 -0.28
CA ALA A 307 -9.12 -7.74 0.59
C ALA A 307 -10.00 -8.19 1.72
N VAL A 308 -9.96 -9.50 2.00
CA VAL A 308 -10.70 -9.99 3.16
C VAL A 308 -10.35 -9.27 4.48
N LYS A 309 -9.08 -8.90 4.69
CA LYS A 309 -8.74 -8.22 5.95
C LYS A 309 -9.42 -6.84 6.12
N LEU A 310 -9.87 -6.25 5.01
CA LEU A 310 -10.48 -4.91 5.08
C LEU A 310 -11.92 -5.00 5.54
N GLU A 311 -12.45 -6.24 5.57
CA GLU A 311 -13.87 -6.60 5.84
C GLU A 311 -13.99 -7.48 7.07
N ASP A 312 -12.96 -8.26 7.35
CA ASP A 312 -13.00 -9.28 8.39
C ASP A 312 -12.13 -8.86 9.58
N PRO A 313 -12.75 -8.36 10.67
CA PRO A 313 -11.92 -7.87 11.80
C PRO A 313 -11.05 -8.91 12.51
N GLU A 314 -11.49 -10.17 12.52
CA GLU A 314 -10.68 -11.28 13.06
C GLU A 314 -9.42 -11.56 12.24
N LYS A 315 -9.56 -11.60 10.92
CA LYS A 315 -8.40 -11.77 10.04
C LYS A 315 -7.50 -10.55 10.17
N ALA A 316 -8.07 -9.35 10.28
CA ALA A 316 -7.21 -8.16 10.47
C ALA A 316 -6.46 -8.28 11.80
N LYS A 317 -7.16 -8.62 12.88
CA LYS A 317 -6.56 -8.81 14.19
C LYS A 317 -5.34 -9.72 14.16
N GLN A 318 -5.49 -10.84 13.45
CA GLN A 318 -4.45 -11.85 13.34
C GLN A 318 -3.23 -11.32 12.58
N PHE A 319 -3.47 -10.63 11.48
CA PHE A 319 -2.42 -9.95 10.77
C PHE A 319 -1.71 -8.92 11.65
N PHE A 320 -2.44 -8.16 12.46
CA PHE A 320 -1.75 -7.15 13.29
C PHE A 320 -0.82 -7.81 14.31
N VAL A 321 -1.14 -9.05 14.71
CA VAL A 321 -0.21 -9.76 15.61
C VAL A 321 1.13 -9.97 14.93
N ILE A 322 1.07 -10.42 13.67
CA ILE A 322 2.26 -10.72 12.91
C ILE A 322 2.99 -9.43 12.50
N LEU A 323 2.24 -8.36 12.26
CA LEU A 323 2.86 -7.09 11.89
C LEU A 323 3.53 -6.41 13.07
N LYS A 324 2.92 -6.50 14.26
CA LYS A 324 3.55 -6.01 15.44
C LYS A 324 4.93 -6.66 15.62
N LYS A 325 4.97 -7.98 15.50
CA LYS A 325 6.28 -8.62 15.69
C LYS A 325 7.25 -8.25 14.61
N PHE A 326 6.76 -8.05 13.38
CA PHE A 326 7.64 -7.73 12.27
C PHE A 326 8.28 -6.38 12.48
N VAL A 327 7.49 -5.43 12.95
CA VAL A 327 7.93 -4.08 13.11
C VAL A 327 8.89 -3.92 14.30
N VAL A 328 8.80 -4.90 15.20
CA VAL A 328 9.67 -5.01 16.36
C VAL A 328 10.83 -5.94 16.01
#